data_8IE8
#
_entry.id   8IE8
#
_cell.length_a   46.755
_cell.length_b   62.222
_cell.length_c   88.225
_cell.angle_alpha   90.00
_cell.angle_beta   90.00
_cell.angle_gamma   90.00
#
_symmetry.space_group_name_H-M   'P 21 21 21'
#
loop_
_entity.id
_entity.type
_entity.pdbx_description
1 polymer 'Death-associated protein kinase 1'
2 non-polymer 5-[(~{E})-2-(3-methoxy-4-oxidanyl-phenyl)ethenyl]benzene-1,3-diol
3 non-polymer 'SULFATE ION'
4 water water
#
_entity_poly.entity_id   1
_entity_poly.type   'polypeptide(L)'
_entity_poly.pdbx_seq_one_letter_code
;MTVFRQENVDDYYDTGEELGSGQFAVVKKCREKSTGLQYAAKFIKKRRTKSSRRGVSREDIEREVSILKEIQHPNVITLH
EVYENKTDVILILELVAGGELFDFLAEKESLTEEEATEFLKQILNGVYYLHSLQIAHFDLKPENIMLLDRNVPKPRIKII
DFGLAHKIDFGNEFKNIFGTPEFVAPEIVNYEPLGLEADMWSIGVITYILLSGASPFLGDTKQETLANVSAVNYEFEDEY
FSNTSALAKDFIRRLLVKDPKKRMTIQDSLQHPWIKPKDTQQALSLEHHHHHH
;
_entity_poly.pdbx_strand_id   A
#
loop_
_chem_comp.id
_chem_comp.type
_chem_comp.name
_chem_comp.formula
P5O non-polymer 5-[(~{E})-2-(3-methoxy-4-oxidanyl-phenyl)ethenyl]benzene-1,3-diol 'C15 H14 O4'
SO4 non-polymer 'SULFATE ION' 'O4 S -2'
#
# COMPACT_ATOMS: atom_id res chain seq x y z
N THR A 2 -0.65 20.50 -14.26
CA THR A 2 -2.04 20.62 -13.81
C THR A 2 -2.09 21.38 -12.51
N VAL A 3 -2.99 22.35 -12.42
CA VAL A 3 -3.06 23.21 -11.24
C VAL A 3 -4.23 22.79 -10.37
N PHE A 4 -4.12 23.07 -9.09
CA PHE A 4 -5.13 22.68 -8.11
C PHE A 4 -5.76 23.92 -7.49
N ARG A 5 -6.76 23.70 -6.63
CA ARG A 5 -7.47 24.80 -6.01
C ARG A 5 -6.53 25.59 -5.10
N GLN A 6 -6.46 26.90 -5.32
CA GLN A 6 -5.51 27.72 -4.60
C GLN A 6 -6.16 28.62 -3.54
N GLU A 7 -7.45 28.47 -3.29
CA GLU A 7 -8.04 29.07 -2.11
C GLU A 7 -7.47 28.41 -0.85
N ASN A 8 -7.46 29.15 0.24
CA ASN A 8 -6.93 28.62 1.49
C ASN A 8 -7.79 27.45 1.94
N VAL A 9 -7.15 26.31 2.19
CA VAL A 9 -7.92 25.13 2.59
C VAL A 9 -8.66 25.40 3.89
N ASP A 10 -8.09 26.21 4.79
CA ASP A 10 -8.70 26.49 6.09
C ASP A 10 -9.99 27.28 6.00
N ASP A 11 -10.28 27.90 4.85
CA ASP A 11 -11.56 28.55 4.66
C ASP A 11 -12.68 27.58 4.34
N TYR A 12 -12.35 26.34 4.01
CA TYR A 12 -13.34 25.35 3.61
C TYR A 12 -13.33 24.11 4.47
N TYR A 13 -12.25 23.87 5.22
CA TYR A 13 -12.14 22.71 6.10
C TYR A 13 -11.59 23.14 7.46
N ASP A 14 -12.01 22.41 8.49
CA ASP A 14 -11.40 22.50 9.81
C ASP A 14 -10.64 21.21 10.06
N THR A 15 -9.40 21.33 10.50
CA THR A 15 -8.61 20.14 10.76
C THR A 15 -8.69 19.75 12.25
N GLY A 16 -8.36 18.50 12.51
CA GLY A 16 -8.40 17.98 13.86
C GLY A 16 -7.25 17.04 14.19
N GLU A 17 -7.58 15.87 14.69
CA GLU A 17 -6.58 14.89 15.10
C GLU A 17 -5.66 14.54 13.94
N GLU A 18 -4.37 14.42 14.24
CA GLU A 18 -3.41 13.97 13.23
C GLU A 18 -3.48 12.46 13.10
N LEU A 19 -3.60 11.98 11.87
CA LEU A 19 -3.72 10.55 11.64
C LEU A 19 -2.38 9.88 11.36
N GLY A 20 -1.39 10.63 10.88
CA GLY A 20 -0.06 10.07 10.66
C GLY A 20 0.81 11.11 9.99
N SER A 21 2.12 10.83 10.02
CA SER A 21 3.07 11.70 9.36
C SER A 21 4.21 10.87 8.81
N GLY A 22 4.68 11.25 7.62
CA GLY A 22 5.78 10.56 6.99
C GLY A 22 6.94 11.49 6.70
N GLN A 23 7.77 11.13 5.73
CA GLN A 23 8.95 11.94 5.45
C GLN A 23 8.57 13.31 4.90
N PHE A 24 7.67 13.36 3.92
CA PHE A 24 7.30 14.62 3.28
C PHE A 24 5.79 14.89 3.32
N ALA A 25 5.07 14.22 4.22
CA ALA A 25 3.62 14.36 4.25
C ALA A 25 3.11 14.20 5.66
N VAL A 26 2.02 14.88 5.97
CA VAL A 26 1.30 14.70 7.22
C VAL A 26 -0.18 14.61 6.91
N VAL A 27 -0.89 13.72 7.60
CA VAL A 27 -2.30 13.49 7.37
C VAL A 27 -3.07 13.92 8.61
N LYS A 28 -4.07 14.78 8.41
CA LYS A 28 -4.87 15.30 9.51
C LYS A 28 -6.33 15.05 9.23
N LYS A 29 -7.05 14.56 10.23
CA LYS A 29 -8.50 14.47 10.12
C LYS A 29 -9.06 15.86 9.84
N CYS A 30 -10.10 15.93 9.01
CA CYS A 30 -10.68 17.23 8.73
C CYS A 30 -12.18 17.11 8.52
N ARG A 31 -12.84 18.26 8.49
CA ARG A 31 -14.28 18.34 8.33
C ARG A 31 -14.59 19.47 7.36
N GLU A 32 -15.33 19.16 6.30
CA GLU A 32 -15.71 20.19 5.34
C GLU A 32 -16.81 21.07 5.94
N LYS A 33 -16.59 22.39 5.89
CA LYS A 33 -17.52 23.32 6.53
C LYS A 33 -18.90 23.27 5.89
N SER A 34 -18.96 23.14 4.56
CA SER A 34 -20.24 23.29 3.86
C SER A 34 -21.15 22.07 4.01
N THR A 35 -20.59 20.88 4.25
CA THR A 35 -21.37 19.65 4.31
C THR A 35 -21.31 18.94 5.66
N GLY A 36 -20.38 19.30 6.54
CA GLY A 36 -20.14 18.56 7.75
C GLY A 36 -19.48 17.22 7.55
N LEU A 37 -19.16 16.84 6.31
CA LEU A 37 -18.58 15.54 6.05
C LEU A 37 -17.11 15.53 6.42
N GLN A 38 -16.62 14.36 6.81
CA GLN A 38 -15.28 14.20 7.35
C GLN A 38 -14.37 13.49 6.35
N TYR A 39 -13.11 13.94 6.32
CA TYR A 39 -12.11 13.48 5.37
C TYR A 39 -10.77 13.39 6.09
N ALA A 40 -9.76 12.94 5.35
CA ALA A 40 -8.37 13.00 5.78
C ALA A 40 -7.64 13.93 4.82
N ALA A 41 -7.00 14.97 5.35
CA ALA A 41 -6.26 15.92 4.53
C ALA A 41 -4.80 15.52 4.58
N LYS A 42 -4.23 15.16 3.42
CA LYS A 42 -2.82 14.78 3.32
C LYS A 42 -2.05 15.97 2.78
N PHE A 43 -1.22 16.57 3.63
CA PHE A 43 -0.40 17.73 3.24
C PHE A 43 0.94 17.20 2.73
N ILE A 44 1.22 17.41 1.44
CA ILE A 44 2.47 16.93 0.83
C ILE A 44 3.37 18.14 0.61
N LYS A 45 4.58 18.11 1.17
CA LYS A 45 5.49 19.22 1.02
C LYS A 45 6.06 19.26 -0.40
N LYS A 46 5.98 20.43 -1.02
CA LYS A 46 6.49 20.64 -2.36
C LYS A 46 8.00 20.84 -2.33
N ARG A 47 8.64 20.45 -3.43
CA ARG A 47 10.03 20.79 -3.65
C ARG A 47 10.13 22.29 -3.94
N ARG A 48 11.11 22.94 -3.33
CA ARG A 48 11.23 24.39 -3.47
C ARG A 48 12.29 24.83 -4.45
N THR A 49 13.15 23.93 -4.93
CA THR A 49 14.01 24.19 -6.07
C THR A 49 14.05 22.94 -6.94
N LYS A 50 14.41 23.11 -8.21
CA LYS A 50 14.38 21.98 -9.14
C LYS A 50 15.41 20.92 -8.75
N SER A 51 16.55 21.31 -8.19
CA SER A 51 17.60 20.36 -7.86
C SER A 51 17.55 19.87 -6.42
N SER A 52 16.54 20.27 -5.65
CA SER A 52 16.48 19.88 -4.25
C SER A 52 16.06 18.42 -4.10
N ARG A 53 16.40 17.86 -2.93
CA ARG A 53 15.96 16.52 -2.56
C ARG A 53 14.94 16.53 -1.42
N ARG A 54 14.64 17.68 -0.84
CA ARG A 54 13.57 17.78 0.14
C ARG A 54 12.26 18.06 -0.59
N GLY A 55 11.17 17.56 -0.03
CA GLY A 55 9.86 17.71 -0.65
C GLY A 55 9.69 16.76 -1.83
N VAL A 56 8.48 16.77 -2.38
CA VAL A 56 8.10 15.87 -3.47
C VAL A 56 8.04 16.67 -4.76
N SER A 57 8.63 16.12 -5.82
CA SER A 57 8.61 16.81 -7.11
C SER A 57 7.19 16.94 -7.61
N ARG A 58 6.94 18.01 -8.38
CA ARG A 58 5.59 18.19 -8.89
C ARG A 58 5.18 17.05 -9.81
N GLU A 59 6.14 16.49 -10.55
CA GLU A 59 5.83 15.33 -11.38
C GLU A 59 5.30 14.19 -10.54
N ASP A 60 5.93 13.93 -9.39
CA ASP A 60 5.49 12.85 -8.53
C ASP A 60 4.13 13.14 -7.91
N ILE A 61 3.88 14.40 -7.49
CA ILE A 61 2.58 14.73 -6.91
C ILE A 61 1.48 14.59 -7.96
N GLU A 62 1.73 15.11 -9.16
CA GLU A 62 0.70 15.03 -10.20
C GLU A 62 0.42 13.59 -10.58
N ARG A 63 1.41 12.71 -10.54
CA ARG A 63 1.17 11.32 -10.87
C ARG A 63 0.25 10.66 -9.84
N GLU A 64 0.53 10.89 -8.56
CA GLU A 64 -0.31 10.35 -7.50
C GLU A 64 -1.75 10.88 -7.63
N VAL A 65 -1.90 12.18 -7.87
CA VAL A 65 -3.24 12.75 -8.03
C VAL A 65 -3.94 12.15 -9.24
N SER A 66 -3.24 12.02 -10.36
CA SER A 66 -3.87 11.47 -11.56
C SER A 66 -4.34 10.04 -11.34
N ILE A 67 -3.54 9.25 -10.61
CA ILE A 67 -3.95 7.88 -10.30
C ILE A 67 -5.15 7.87 -9.37
N LEU A 68 -5.09 8.66 -8.29
CA LEU A 68 -6.21 8.70 -7.35
C LEU A 68 -7.49 9.12 -8.05
N LYS A 69 -7.40 10.04 -9.00
CA LYS A 69 -8.62 10.49 -9.69
C LYS A 69 -9.28 9.39 -10.51
N GLU A 70 -8.54 8.35 -10.89
CA GLU A 70 -9.12 7.30 -11.74
C GLU A 70 -9.87 6.26 -10.95
N ILE A 71 -9.52 6.05 -9.70
CA ILE A 71 -9.95 4.86 -8.98
C ILE A 71 -11.23 5.10 -8.21
N GLN A 72 -12.16 4.16 -8.28
CA GLN A 72 -13.30 4.15 -7.38
C GLN A 72 -13.65 2.70 -7.14
N HIS A 73 -13.36 2.22 -5.95
CA HIS A 73 -13.57 0.83 -5.59
C HIS A 73 -13.64 0.74 -4.08
N PRO A 74 -14.46 -0.15 -3.52
CA PRO A 74 -14.64 -0.17 -2.06
C PRO A 74 -13.37 -0.44 -1.28
N ASN A 75 -12.36 -1.05 -1.88
CA ASN A 75 -11.14 -1.41 -1.16
C ASN A 75 -9.98 -0.47 -1.45
N VAL A 76 -10.24 0.67 -2.07
CA VAL A 76 -9.21 1.66 -2.34
C VAL A 76 -9.69 3.02 -1.89
N ILE A 77 -8.77 3.81 -1.32
CA ILE A 77 -9.10 5.16 -0.91
C ILE A 77 -9.53 5.99 -2.10
N THR A 78 -10.47 6.90 -1.87
CA THR A 78 -10.93 7.78 -2.94
C THR A 78 -10.57 9.22 -2.63
N LEU A 79 -10.33 9.98 -3.70
CA LEU A 79 -9.90 11.37 -3.59
C LEU A 79 -11.12 12.26 -3.73
N HIS A 80 -11.26 13.20 -2.80
CA HIS A 80 -12.36 14.16 -2.82
C HIS A 80 -12.00 15.45 -3.53
N GLU A 81 -10.87 16.06 -3.17
CA GLU A 81 -10.51 17.39 -3.67
C GLU A 81 -9.00 17.54 -3.54
N VAL A 82 -8.45 18.49 -4.30
CA VAL A 82 -7.02 18.82 -4.17
C VAL A 82 -6.87 20.33 -4.10
N TYR A 83 -6.17 20.80 -3.08
CA TYR A 83 -5.76 22.20 -2.92
C TYR A 83 -4.25 22.31 -3.03
N GLU A 84 -3.78 23.56 -3.19
CA GLU A 84 -2.33 23.76 -3.13
C GLU A 84 -2.04 25.19 -2.72
N ASN A 85 -0.85 25.38 -2.16
CA ASN A 85 -0.30 26.71 -1.96
C ASN A 85 1.21 26.62 -2.24
N LYS A 86 1.94 27.66 -1.87
CA LYS A 86 3.36 27.69 -2.22
C LYS A 86 4.14 26.54 -1.58
N THR A 87 3.69 26.07 -0.41
CA THR A 87 4.46 25.09 0.35
C THR A 87 3.97 23.65 0.21
N ASP A 88 2.68 23.43 -0.05
CA ASP A 88 2.11 22.09 0.02
C ASP A 88 1.08 21.89 -1.09
N VAL A 89 0.91 20.63 -1.47
CA VAL A 89 -0.31 20.17 -2.12
C VAL A 89 -1.10 19.43 -1.06
N ILE A 90 -2.40 19.68 -1.00
CA ILE A 90 -3.26 19.13 0.04
C ILE A 90 -4.32 18.26 -0.62
N LEU A 91 -4.21 16.95 -0.45
CA LEU A 91 -5.20 16.02 -0.96
C LEU A 91 -6.26 15.83 0.11
N ILE A 92 -7.50 16.09 -0.25
CA ILE A 92 -8.63 15.80 0.64
C ILE A 92 -9.09 14.41 0.27
N LEU A 93 -8.83 13.43 1.15
CA LEU A 93 -9.05 12.03 0.86
C LEU A 93 -10.14 11.44 1.74
N GLU A 94 -10.71 10.32 1.30
CA GLU A 94 -11.68 9.61 2.12
C GLU A 94 -11.10 9.31 3.49
N LEU A 95 -11.90 9.50 4.54
CA LEU A 95 -11.45 9.24 5.89
C LEU A 95 -11.53 7.74 6.19
N VAL A 96 -10.39 7.15 6.53
CA VAL A 96 -10.33 5.76 6.94
C VAL A 96 -9.80 5.76 8.36
N ALA A 97 -10.68 5.50 9.32
CA ALA A 97 -10.41 5.82 10.72
C ALA A 97 -10.14 4.60 11.60
N GLY A 98 -10.22 3.38 11.06
CA GLY A 98 -10.06 2.19 11.86
C GLY A 98 -8.64 1.75 12.16
N GLY A 99 -7.64 2.50 11.71
CA GLY A 99 -6.26 2.16 12.00
C GLY A 99 -5.66 1.19 10.99
N GLU A 100 -4.36 1.00 11.13
CA GLU A 100 -3.63 0.14 10.22
C GLU A 100 -3.96 -1.33 10.47
N LEU A 101 -3.89 -2.12 9.41
CA LEU A 101 -3.82 -3.57 9.58
C LEU A 101 -2.63 -3.95 10.45
N PHE A 102 -1.56 -3.15 10.40
CA PHE A 102 -0.36 -3.41 11.20
C PHE A 102 -0.63 -3.22 12.69
N ASP A 103 -1.23 -2.09 13.08
CA ASP A 103 -1.53 -1.86 14.49
C ASP A 103 -2.57 -2.84 15.01
N PHE A 104 -3.53 -3.20 14.17
CA PHE A 104 -4.50 -4.25 14.50
C PHE A 104 -3.82 -5.62 14.55
N LEU A 105 -2.69 -5.77 13.82
CA LEU A 105 -1.93 -7.02 13.89
C LEU A 105 -1.22 -7.16 15.22
N ALA A 106 -0.57 -6.09 15.68
CA ALA A 106 0.19 -6.15 16.93
C ALA A 106 -0.68 -6.46 18.13
N GLU A 107 -1.99 -6.20 18.05
CA GLU A 107 -2.89 -6.46 19.17
C GLU A 107 -3.18 -7.95 19.31
N LYS A 108 -3.30 -8.67 18.19
CA LYS A 108 -3.55 -10.11 18.23
C LYS A 108 -2.29 -10.90 18.58
N SER A 110 -0.97 -12.44 15.48
CA SER A 110 -1.10 -13.58 14.57
C SER A 110 -2.59 -13.92 14.36
N LEU A 111 -3.01 -13.98 13.09
CA LEU A 111 -4.41 -14.23 12.74
C LEU A 111 -4.61 -15.69 12.35
N THR A 112 -5.85 -16.18 12.53
CA THR A 112 -6.24 -17.46 11.98
C THR A 112 -6.32 -17.36 10.46
N GLU A 113 -6.38 -18.52 9.79
CA GLU A 113 -6.46 -18.50 8.33
C GLU A 113 -7.77 -17.90 7.83
N GLU A 114 -8.88 -18.12 8.53
CA GLU A 114 -10.11 -17.44 8.14
C GLU A 114 -10.00 -15.93 8.30
N GLU A 115 -9.42 -15.47 9.41
CA GLU A 115 -9.26 -14.04 9.62
C GLU A 115 -8.31 -13.45 8.58
N ALA A 116 -7.19 -14.14 8.35
CA ALA A 116 -6.23 -13.69 7.35
C ALA A 116 -6.87 -13.62 5.97
N THR A 117 -7.54 -14.70 5.53
CA THR A 117 -8.11 -14.72 4.18
C THR A 117 -9.24 -13.71 4.02
N GLU A 118 -9.96 -13.42 5.11
CA GLU A 118 -11.01 -12.41 5.01
C GLU A 118 -10.45 -11.04 4.74
N PHE A 119 -9.33 -10.69 5.39
CA PHE A 119 -8.62 -9.47 5.06
C PHE A 119 -7.98 -9.59 3.69
N LEU A 120 -7.28 -10.70 3.47
CA LEU A 120 -6.52 -10.87 2.23
C LEU A 120 -7.41 -10.82 1.02
N LYS A 121 -8.61 -11.41 1.09
CA LYS A 121 -9.52 -11.35 -0.05
C LYS A 121 -9.88 -9.91 -0.40
N GLN A 122 -10.04 -9.05 0.61
CA GLN A 122 -10.32 -7.65 0.30
C GLN A 122 -9.11 -6.98 -0.34
N ILE A 123 -7.91 -7.28 0.17
CA ILE A 123 -6.71 -6.76 -0.48
C ILE A 123 -6.64 -7.23 -1.92
N LEU A 124 -6.86 -8.52 -2.16
CA LEU A 124 -6.77 -9.03 -3.53
C LEU A 124 -7.81 -8.39 -4.43
N ASN A 125 -9.02 -8.16 -3.92
CA ASN A 125 -10.05 -7.49 -4.71
C ASN A 125 -9.61 -6.07 -5.09
N GLY A 126 -9.01 -5.34 -4.15
CA GLY A 126 -8.56 -3.99 -4.44
C GLY A 126 -7.42 -3.98 -5.44
N VAL A 127 -6.46 -4.91 -5.29
CA VAL A 127 -5.36 -5.00 -6.23
C VAL A 127 -5.81 -5.52 -7.59
N TYR A 128 -6.80 -6.41 -7.62
CA TYR A 128 -7.34 -6.84 -8.91
C TYR A 128 -7.92 -5.65 -9.67
N TYR A 129 -8.63 -4.77 -8.95
CA TYR A 129 -9.14 -3.54 -9.56
C TYR A 129 -8.00 -2.69 -10.11
N LEU A 130 -6.96 -2.44 -9.29
CA LEU A 130 -5.84 -1.60 -9.71
C LEU A 130 -5.13 -2.21 -10.91
N HIS A 131 -4.76 -3.49 -10.81
CA HIS A 131 -4.04 -4.13 -11.89
C HIS A 131 -4.88 -4.22 -13.15
N SER A 132 -6.20 -4.33 -13.01
CA SER A 132 -7.07 -4.28 -14.18
C SER A 132 -6.94 -2.94 -14.89
N LEU A 133 -6.67 -1.87 -14.15
CA LEU A 133 -6.45 -0.56 -14.73
C LEU A 133 -4.99 -0.33 -15.09
N GLN A 134 -4.15 -1.38 -15.02
CA GLN A 134 -2.71 -1.28 -15.25
C GLN A 134 -2.02 -0.32 -14.28
N ILE A 135 -2.51 -0.26 -13.04
CA ILE A 135 -1.90 0.54 -11.98
C ILE A 135 -1.14 -0.40 -11.06
N ALA A 136 0.17 -0.21 -10.97
CA ALA A 136 0.98 -0.84 -9.94
C ALA A 136 1.04 0.08 -8.73
N HIS A 137 0.79 -0.49 -7.55
CA HIS A 137 0.81 0.32 -6.33
C HIS A 137 2.25 0.60 -5.89
N PHE A 138 3.08 -0.44 -5.87
CA PHE A 138 4.51 -0.36 -5.58
C PHE A 138 4.83 -0.06 -4.11
N ASP A 139 3.85 -0.03 -3.22
CA ASP A 139 4.12 0.30 -1.82
C ASP A 139 3.15 -0.44 -0.91
N LEU A 140 2.80 -1.67 -1.28
CA LEU A 140 1.88 -2.46 -0.48
C LEU A 140 2.61 -2.99 0.75
N LYS A 141 2.10 -2.66 1.92
CA LYS A 141 2.64 -3.09 3.20
C LYS A 141 1.57 -2.85 4.24
N PRO A 142 1.63 -3.53 5.39
CA PRO A 142 0.55 -3.39 6.38
C PRO A 142 0.26 -1.94 6.75
N GLU A 143 1.27 -1.07 6.74
CA GLU A 143 1.04 0.33 7.07
C GLU A 143 0.10 1.02 6.09
N ASN A 144 0.05 0.54 4.85
CA ASN A 144 -0.80 1.12 3.81
C ASN A 144 -2.10 0.36 3.61
N ILE A 145 -2.45 -0.52 4.55
CA ILE A 145 -3.70 -1.26 4.56
C ILE A 145 -4.42 -0.84 5.83
N MET A 146 -5.50 -0.08 5.68
CA MET A 146 -6.22 0.43 6.84
C MET A 146 -7.66 -0.02 6.82
N LEU A 147 -8.28 0.01 8.00
CA LEU A 147 -9.61 -0.52 8.21
C LEU A 147 -10.59 0.64 8.35
N LEU A 148 -11.84 0.42 7.93
CA LEU A 148 -12.89 1.42 8.16
C LEU A 148 -13.35 1.44 9.62
N ASP A 149 -13.62 0.26 10.19
CA ASP A 149 -14.04 0.15 11.59
C ASP A 149 -13.36 -1.08 12.17
N ARG A 150 -12.45 -0.88 13.11
CA ARG A 150 -11.68 -1.98 13.68
C ARG A 150 -12.41 -2.73 14.79
N ASN A 151 -13.68 -2.40 15.06
CA ASN A 151 -14.42 -2.96 16.19
C ASN A 151 -15.44 -4.03 15.78
N VAL A 152 -15.47 -4.40 14.50
CA VAL A 152 -16.37 -5.46 14.04
C VAL A 152 -15.56 -6.74 13.85
N PRO A 153 -16.17 -7.92 13.96
CA PRO A 153 -15.39 -9.16 13.80
C PRO A 153 -14.76 -9.30 12.42
N LYS A 154 -15.24 -8.57 11.43
CA LYS A 154 -14.69 -8.63 10.07
C LYS A 154 -14.76 -7.25 9.43
N PRO A 155 -13.76 -6.41 9.68
CA PRO A 155 -13.79 -5.05 9.15
C PRO A 155 -13.48 -4.99 7.65
N ARG A 156 -13.79 -3.84 7.06
CA ARG A 156 -13.57 -3.59 5.65
C ARG A 156 -12.29 -2.78 5.49
N ILE A 157 -11.43 -3.19 4.56
CA ILE A 157 -10.13 -2.54 4.46
C ILE A 157 -10.07 -1.67 3.23
N LYS A 158 -9.14 -0.73 3.27
CA LYS A 158 -8.90 0.15 2.14
C LYS A 158 -7.40 0.30 1.96
N ILE A 159 -6.96 0.17 0.73
CA ILE A 159 -5.57 0.44 0.38
C ILE A 159 -5.38 1.95 0.31
N ILE A 160 -4.36 2.45 0.98
CA ILE A 160 -4.03 3.88 0.95
C ILE A 160 -2.64 4.10 0.37
N ASP A 161 -2.24 5.37 0.30
CA ASP A 161 -0.90 5.82 -0.03
C ASP A 161 -0.46 5.43 -1.44
N PHE A 162 -0.96 6.17 -2.41
CA PHE A 162 -0.61 5.96 -3.81
C PHE A 162 0.60 6.76 -4.24
N GLY A 163 1.47 7.10 -3.28
CA GLY A 163 2.62 7.95 -3.53
C GLY A 163 3.67 7.36 -4.44
N LEU A 164 3.74 6.02 -4.54
CA LEU A 164 4.68 5.37 -5.45
C LEU A 164 3.98 4.72 -6.64
N ALA A 165 2.67 4.79 -6.72
CA ALA A 165 1.92 4.09 -7.75
C ALA A 165 2.23 4.62 -9.16
N HIS A 166 2.25 3.72 -10.14
CA HIS A 166 2.53 4.11 -11.52
C HIS A 166 1.60 3.37 -12.46
N LYS A 167 1.21 4.04 -13.55
CA LYS A 167 0.55 3.35 -14.65
C LYS A 167 1.58 2.52 -15.41
N ILE A 168 1.23 1.28 -15.73
CA ILE A 168 2.14 0.36 -16.41
C ILE A 168 1.55 0.05 -17.77
N ASP A 169 1.67 0.98 -18.71
CA ASP A 169 1.01 0.81 -20.00
C ASP A 169 1.86 0.07 -21.03
N PHE A 170 3.14 -0.17 -20.71
CA PHE A 170 4.04 -0.95 -21.56
C PHE A 170 4.49 -2.24 -20.88
N GLY A 171 3.74 -2.72 -19.90
CA GLY A 171 4.12 -3.94 -19.23
C GLY A 171 5.17 -3.78 -18.15
N ASN A 172 6.02 -2.76 -18.27
CA ASN A 172 7.00 -2.48 -17.22
C ASN A 172 7.39 -1.01 -17.25
N GLU A 173 7.90 -0.55 -16.11
CA GLU A 173 8.41 0.81 -15.96
C GLU A 173 9.82 0.74 -15.39
N PHE A 174 10.71 1.59 -15.89
CA PHE A 174 12.11 1.55 -15.49
C PHE A 174 12.39 2.81 -14.67
N LYS A 175 12.05 2.74 -13.39
CA LYS A 175 12.31 3.80 -12.42
C LYS A 175 12.73 3.14 -11.12
N ASN A 176 13.40 3.92 -10.28
CA ASN A 176 13.75 3.47 -8.94
C ASN A 176 12.54 3.64 -8.03
N ILE A 177 12.19 2.58 -7.29
CA ILE A 177 11.10 2.64 -6.32
C ILE A 177 11.72 2.43 -4.94
N PHE A 178 11.74 3.47 -4.14
CA PHE A 178 12.31 3.38 -2.80
C PHE A 178 11.16 3.09 -1.85
N GLY A 179 10.74 1.83 -1.83
CA GLY A 179 9.79 1.33 -0.86
C GLY A 179 10.50 0.79 0.37
N THR A 180 9.73 0.09 1.20
CA THR A 180 10.48 -0.34 2.38
C THR A 180 11.03 -1.74 2.17
N PRO A 181 12.29 -1.92 2.57
CA PRO A 181 13.01 -3.16 2.26
C PRO A 181 12.25 -4.45 2.55
N GLU A 182 11.54 -4.53 3.68
CA GLU A 182 10.90 -5.78 4.05
C GLU A 182 9.85 -6.22 3.05
N PHE A 183 9.33 -5.29 2.24
CA PHE A 183 8.16 -5.57 1.41
C PHE A 183 8.43 -5.46 -0.09
N VAL A 184 9.59 -4.98 -0.52
CA VAL A 184 9.84 -4.79 -1.94
C VAL A 184 10.31 -6.09 -2.57
N ALA A 185 9.96 -6.27 -3.84
CA ALA A 185 10.29 -7.45 -4.61
C ALA A 185 11.75 -7.42 -5.06
N PRO A 186 12.32 -8.57 -5.42
CA PRO A 186 13.72 -8.59 -5.86
C PRO A 186 14.01 -7.64 -7.02
N GLU A 187 13.07 -7.46 -7.96
CA GLU A 187 13.35 -6.58 -9.08
C GLU A 187 13.51 -5.13 -8.63
N ILE A 188 12.84 -4.75 -7.54
CA ILE A 188 13.04 -3.42 -6.98
C ILE A 188 14.42 -3.33 -6.33
N VAL A 189 14.77 -4.36 -5.55
CA VAL A 189 16.09 -4.39 -4.91
C VAL A 189 17.20 -4.30 -5.94
N ASN A 190 17.03 -4.96 -7.08
CA ASN A 190 18.04 -5.04 -8.12
C ASN A 190 17.92 -3.94 -9.17
N TYR A 191 16.99 -3.00 -9.00
CA TYR A 191 16.85 -1.86 -9.91
C TYR A 191 16.53 -2.30 -11.34
N GLU A 192 15.70 -3.30 -11.46
CA GLU A 192 15.29 -3.84 -12.74
C GLU A 192 13.96 -3.24 -13.17
N PRO A 193 13.56 -3.44 -14.43
CA PRO A 193 12.23 -2.98 -14.85
C PRO A 193 11.15 -3.59 -13.97
N LEU A 194 10.11 -2.80 -13.71
CA LEU A 194 9.11 -3.13 -12.70
C LEU A 194 7.74 -3.17 -13.35
N GLY A 195 6.92 -4.14 -12.94
CA GLY A 195 5.56 -4.18 -13.42
C GLY A 195 4.59 -4.53 -12.31
N LEU A 196 3.39 -4.99 -12.70
CA LEU A 196 2.40 -5.41 -11.71
C LEU A 196 2.88 -6.54 -10.81
N GLU A 197 3.85 -7.34 -11.28
CA GLU A 197 4.31 -8.49 -10.52
C GLU A 197 4.87 -8.09 -9.16
N ALA A 198 5.46 -6.90 -9.06
CA ALA A 198 6.07 -6.49 -7.80
C ALA A 198 5.04 -6.43 -6.68
N ASP A 199 3.83 -5.98 -6.99
CA ASP A 199 2.77 -5.96 -5.99
C ASP A 199 2.44 -7.37 -5.50
N MET A 200 2.52 -8.35 -6.40
CA MET A 200 2.14 -9.70 -6.01
C MET A 200 3.15 -10.28 -5.02
N TRP A 201 4.44 -9.97 -5.22
CA TRP A 201 5.43 -10.32 -4.20
C TRP A 201 5.08 -9.68 -2.86
N SER A 202 4.76 -8.39 -2.87
CA SER A 202 4.43 -7.71 -1.61
C SER A 202 3.25 -8.38 -0.92
N ILE A 203 2.25 -8.83 -1.69
CA ILE A 203 1.12 -9.55 -1.11
C ILE A 203 1.59 -10.84 -0.43
N GLY A 204 2.56 -11.54 -1.04
CA GLY A 204 3.10 -12.73 -0.41
C GLY A 204 3.75 -12.45 0.93
N VAL A 205 4.47 -11.33 1.02
CA VAL A 205 5.08 -10.93 2.30
C VAL A 205 4.00 -10.62 3.33
N ILE A 206 3.03 -9.80 2.93
CA ILE A 206 1.89 -9.47 3.80
C ILE A 206 1.21 -10.74 4.31
N THR A 207 0.99 -11.71 3.41
CA THR A 207 0.30 -12.94 3.81
C THR A 207 1.12 -13.72 4.83
N TYR A 208 2.43 -13.81 4.61
CA TYR A 208 3.31 -14.49 5.56
C TYR A 208 3.19 -13.86 6.95
N ILE A 209 3.20 -12.53 7.01
CA ILE A 209 3.10 -11.83 8.30
C ILE A 209 1.72 -12.03 8.92
N LEU A 210 0.66 -11.96 8.10
CA LEU A 210 -0.68 -12.14 8.62
C LEU A 210 -0.83 -13.47 9.35
N LEU A 211 -0.20 -14.52 8.81
CA LEU A 211 -0.39 -15.86 9.33
C LEU A 211 0.53 -16.19 10.50
N SER A 212 1.68 -15.52 10.60
CA SER A 212 2.71 -15.88 11.57
C SER A 212 3.06 -14.78 12.55
N GLY A 213 2.81 -13.51 12.22
CA GLY A 213 3.32 -12.43 13.03
C GLY A 213 4.79 -12.12 12.83
N ALA A 214 5.45 -12.78 11.87
CA ALA A 214 6.88 -12.63 11.63
C ALA A 214 7.10 -12.18 10.19
N SER A 215 8.19 -11.39 9.98
CA SER A 215 8.54 -10.83 8.66
C SER A 215 9.54 -11.76 7.98
N PRO A 216 9.26 -12.21 6.75
CA PRO A 216 10.03 -13.34 6.20
C PRO A 216 11.46 -13.00 5.80
N PHE A 217 11.75 -11.75 5.46
CA PHE A 217 13.08 -11.37 4.98
C PHE A 217 13.79 -10.40 5.91
N LEU A 218 13.18 -10.05 7.04
CA LEU A 218 13.72 -8.98 7.87
C LEU A 218 15.08 -9.36 8.44
N GLY A 219 16.08 -8.52 8.17
CA GLY A 219 17.38 -8.65 8.79
C GLY A 219 17.59 -7.62 9.88
N ASP A 220 18.81 -7.59 10.40
CA ASP A 220 19.17 -6.62 11.43
C ASP A 220 19.43 -5.23 10.87
N THR A 221 19.70 -5.11 9.57
CA THR A 221 19.91 -3.82 8.92
C THR A 221 19.17 -3.82 7.61
N LYS A 222 18.95 -2.63 7.05
CA LYS A 222 18.24 -2.55 5.77
C LYS A 222 19.00 -3.31 4.67
N GLN A 223 20.33 -3.24 4.66
CA GLN A 223 21.09 -3.95 3.65
C GLN A 223 20.92 -5.46 3.77
N GLU A 224 20.89 -5.98 5.00
CA GLU A 224 20.60 -7.40 5.21
C GLU A 224 19.24 -7.77 4.65
N THR A 225 18.21 -6.97 4.95
CA THR A 225 16.87 -7.27 4.45
C THR A 225 16.86 -7.30 2.92
N LEU A 226 17.47 -6.29 2.30
CA LEU A 226 17.50 -6.23 0.84
C LEU A 226 18.26 -7.42 0.26
N ALA A 227 19.38 -7.80 0.89
CA ALA A 227 20.12 -8.97 0.42
C ALA A 227 19.27 -10.23 0.54
N ASN A 228 18.52 -10.36 1.64
CA ASN A 228 17.65 -11.52 1.83
C ASN A 228 16.56 -11.57 0.76
N VAL A 229 15.93 -10.43 0.48
CA VAL A 229 14.92 -10.36 -0.58
C VAL A 229 15.51 -10.83 -1.91
N SER A 230 16.66 -10.27 -2.29
CA SER A 230 17.21 -10.61 -3.61
C SER A 230 17.54 -12.10 -3.71
N ALA A 231 17.96 -12.72 -2.61
CA ALA A 231 18.33 -14.12 -2.60
C ALA A 231 17.13 -15.04 -2.35
N VAL A 232 15.93 -14.48 -2.13
CA VAL A 232 14.75 -15.22 -1.71
C VAL A 232 15.08 -16.06 -0.48
N ASN A 233 15.70 -15.41 0.51
CA ASN A 233 16.18 -16.06 1.72
C ASN A 233 15.08 -16.00 2.78
N TYR A 234 14.12 -16.90 2.68
CA TYR A 234 13.08 -17.03 3.70
C TYR A 234 12.68 -18.50 3.83
N GLU A 235 12.07 -18.83 4.96
CA GLU A 235 11.54 -20.16 5.18
C GLU A 235 10.35 -20.06 6.12
N PHE A 236 9.54 -21.11 6.15
CA PHE A 236 8.40 -21.17 7.09
C PHE A 236 8.89 -21.79 8.39
N GLU A 237 9.02 -20.96 9.43
CA GLU A 237 9.47 -21.49 10.72
C GLU A 237 8.37 -22.32 11.35
N ASP A 238 8.69 -23.59 11.67
CA ASP A 238 7.69 -24.48 12.24
C ASP A 238 7.06 -23.90 13.51
N GLU A 239 7.84 -23.18 14.31
CA GLU A 239 7.29 -22.62 15.55
C GLU A 239 6.15 -21.67 15.26
N TYR A 240 6.17 -21.02 14.09
CA TYR A 240 5.13 -20.07 13.72
C TYR A 240 4.11 -20.66 12.75
N PHE A 241 4.48 -21.67 11.98
CA PHE A 241 3.61 -22.19 10.94
C PHE A 241 3.10 -23.61 11.21
N SER A 242 3.34 -24.16 12.41
CA SER A 242 3.09 -25.59 12.63
C SER A 242 1.63 -25.98 12.43
N ASN A 243 0.70 -25.07 12.71
CA ASN A 243 -0.71 -25.35 12.50
C ASN A 243 -1.30 -24.55 11.34
N THR A 244 -0.45 -24.06 10.45
CA THR A 244 -0.88 -23.40 9.22
C THR A 244 -0.99 -24.42 8.10
N SER A 245 -2.05 -24.31 7.30
CA SER A 245 -2.31 -25.33 6.28
C SER A 245 -1.23 -25.30 5.21
N ALA A 246 -1.01 -26.46 4.58
CA ALA A 246 -0.02 -26.51 3.50
C ALA A 246 -0.44 -25.65 2.32
N LEU A 247 -1.76 -25.52 2.12
CA LEU A 247 -2.25 -24.72 0.99
C LEU A 247 -1.96 -23.24 1.21
N ALA A 248 -2.07 -22.76 2.45
CA ALA A 248 -1.65 -21.39 2.75
C ALA A 248 -0.17 -21.20 2.44
N LYS A 249 0.67 -22.16 2.85
CA LYS A 249 2.08 -22.07 2.50
C LYS A 249 2.29 -22.09 1.00
N ASP A 250 1.52 -22.92 0.29
CA ASP A 250 1.63 -23.00 -1.16
C ASP A 250 1.33 -21.65 -1.82
N PHE A 251 0.28 -20.97 -1.34
CA PHE A 251 -0.07 -19.64 -1.84
C PHE A 251 1.10 -18.68 -1.69
N ILE A 252 1.67 -18.62 -0.49
CA ILE A 252 2.84 -17.75 -0.25
C ILE A 252 3.99 -18.15 -1.16
N ARG A 253 4.29 -19.45 -1.23
CA ARG A 253 5.44 -19.91 -1.99
C ARG A 253 5.34 -19.53 -3.46
N ARG A 254 4.13 -19.46 -4.00
CA ARG A 254 3.96 -19.11 -5.41
C ARG A 254 3.97 -17.60 -5.66
N LEU A 255 3.99 -16.79 -4.60
CA LEU A 255 4.15 -15.35 -4.72
C LEU A 255 5.58 -14.91 -4.45
N LEU A 256 6.27 -15.56 -3.52
CA LEU A 256 7.65 -15.20 -3.17
C LEU A 256 8.64 -15.91 -4.10
N VAL A 257 8.52 -15.57 -5.38
CA VAL A 257 9.23 -16.18 -6.49
C VAL A 257 10.07 -15.08 -7.14
N LYS A 258 11.38 -15.33 -7.28
CA LYS A 258 12.28 -14.28 -7.77
C LYS A 258 11.92 -13.84 -9.19
N ASP A 259 11.70 -14.80 -10.08
CA ASP A 259 11.44 -14.49 -11.48
C ASP A 259 10.02 -13.95 -11.60
N PRO A 260 9.86 -12.66 -11.94
CA PRO A 260 8.51 -12.08 -11.96
C PRO A 260 7.57 -12.79 -12.90
N LYS A 261 8.11 -13.38 -13.98
CA LYS A 261 7.29 -14.06 -14.98
C LYS A 261 6.71 -15.35 -14.43
N LYS A 262 7.35 -15.95 -13.43
CA LYS A 262 6.87 -17.20 -12.85
C LYS A 262 6.01 -16.97 -11.61
N ARG A 263 5.92 -15.73 -11.14
CA ARG A 263 5.13 -15.39 -9.96
C ARG A 263 3.64 -15.43 -10.27
N MET A 264 2.81 -15.80 -9.29
CA MET A 264 1.38 -15.75 -9.51
C MET A 264 0.95 -14.32 -9.81
N THR A 265 0.06 -14.16 -10.79
CA THR A 265 -0.58 -12.87 -11.04
C THR A 265 -1.75 -12.66 -10.08
N ILE A 266 -2.34 -11.45 -10.14
CA ILE A 266 -3.51 -11.20 -9.30
C ILE A 266 -4.64 -12.15 -9.66
N GLN A 267 -4.84 -12.41 -10.96
CA GLN A 267 -5.87 -13.39 -11.33
C GLN A 267 -5.52 -14.79 -10.85
N ASP A 268 -4.25 -15.20 -10.97
CA ASP A 268 -3.82 -16.48 -10.40
C ASP A 268 -4.16 -16.55 -8.92
N SER A 269 -3.89 -15.47 -8.17
CA SER A 269 -4.06 -15.52 -6.73
C SER A 269 -5.52 -15.70 -6.35
N LEU A 270 -6.45 -15.14 -7.16
CA LEU A 270 -7.87 -15.28 -6.89
C LEU A 270 -8.41 -16.66 -7.23
N GLN A 271 -7.75 -17.37 -8.15
CA GLN A 271 -8.13 -18.74 -8.50
C GLN A 271 -7.40 -19.80 -7.70
N HIS A 272 -6.41 -19.41 -6.90
CA HIS A 272 -5.64 -20.37 -6.12
C HIS A 272 -6.57 -21.09 -5.14
N PRO A 273 -6.38 -22.40 -4.94
CA PRO A 273 -7.33 -23.16 -4.10
C PRO A 273 -7.49 -22.65 -2.68
N TRP A 274 -6.49 -21.94 -2.12
CA TRP A 274 -6.65 -21.38 -0.78
C TRP A 274 -7.67 -20.24 -0.78
N ILE A 275 -7.80 -19.53 -1.91
CA ILE A 275 -8.65 -18.35 -2.00
C ILE A 275 -9.98 -18.66 -2.67
N LYS A 276 -9.94 -19.42 -3.77
CA LYS A 276 -11.11 -19.61 -4.61
C LYS A 276 -12.23 -20.28 -3.81
N PRO A 277 -13.44 -19.72 -3.79
CA PRO A 277 -14.55 -20.30 -3.03
C PRO A 277 -14.98 -21.67 -3.54
CAA P5O B . -1.08 7.77 7.28
CAB P5O B . -1.19 7.02 8.45
CAC P5O B . 0.14 8.34 6.91
CAD P5O B . -0.06 6.85 9.25
CAE P5O B . 1.26 8.17 7.71
CAF P5O B . 1.16 7.42 8.89
CAG P5O B . -2.20 7.93 6.47
CAH P5O B . -3.57 7.79 7.17
CAI P5O B . -4.64 7.97 6.32
CAJ P5O B . -4.39 8.11 4.96
CAK P5O B . -5.96 8.02 6.77
CAL P5O B . -5.42 8.29 4.06
CAM P5O B . -7.00 8.19 5.86
CAN P5O B . -6.73 8.33 4.51
CAS P5O B . -1.41 5.74 10.77
OAO P5O B . -5.16 8.42 2.73
OAP P5O B . -8.29 8.24 6.25
OAQ P5O B . 2.22 7.22 9.72
OAR P5O B . -0.08 6.14 10.42
S SO4 C . 7.92 -26.19 4.41
O1 SO4 C . 8.64 -27.46 4.60
O2 SO4 C . 7.64 -25.60 5.72
O3 SO4 C . 8.75 -25.30 3.60
O4 SO4 C . 6.65 -26.43 3.71
S SO4 D . 15.75 -0.46 -3.17
O1 SO4 D . 17.18 -0.77 -3.20
O2 SO4 D . 14.99 -1.69 -2.99
O3 SO4 D . 15.40 0.24 -4.41
O4 SO4 D . 15.47 0.43 -2.03
#